data_1LU1
#
_entry.id   1LU1
#
_cell.length_a   79.050
_cell.length_b   79.050
_cell.length_c   260.110
_cell.angle_alpha   90.00
_cell.angle_beta   90.00
_cell.angle_gamma   90.00
#
_symmetry.space_group_name_H-M   'I 41 2 2'
#
loop_
_entity.id
_entity.type
_entity.pdbx_description
1 polymer LECTIN
2 branched 2-acetamido-2-deoxy-alpha-D-galactopyranose-(1-3)-2-acetamido-2-deoxy-beta-D-galactopyranose
3 non-polymer 'CALCIUM ION'
4 non-polymer 'MANGANESE (II) ION'
5 non-polymer ADENINE
#
_entity_poly.entity_id   1
_entity_poly.type   'polypeptide(L)'
_entity_poly.pdbx_seq_one_letter_code
;ANIQSFSFKNFNSPSFILQGDATVSSGKLQLTKVKENGIPTPSSLGRAFYSSPIQIYDKSTGAVASWATSFTVKISAPSK
ASFADGIAFALVPVGSEPRRNGGYLGVFDSDVYNNSAQTVAVEFDTLSNSGWDPSMKHIGIDVNSIKSIATVSWDLANGE
NAEILITYNAATSLLVASLVHPSRRTSYILSERVDITNELPEYVSVGFSATTGLSEGYIETHDVLSWSFASKLPDDSTAE
PLDLASYLVRNVL
;
_entity_poly.pdbx_strand_id   A
#
# COMPACT_ATOMS: atom_id res chain seq x y z
N ALA A 1 2.50 25.95 6.56
CA ALA A 1 2.53 24.49 6.22
C ALA A 1 1.15 23.96 5.89
N ASN A 2 1.10 23.05 4.92
CA ASN A 2 -0.14 22.45 4.49
C ASN A 2 -0.26 21.06 5.06
N ILE A 3 -1.39 20.77 5.70
CA ILE A 3 -1.58 19.47 6.30
C ILE A 3 -2.88 18.81 5.87
N GLN A 4 -2.82 17.51 5.64
CA GLN A 4 -4.00 16.75 5.27
C GLN A 4 -3.90 15.44 6.02
N SER A 5 -5.00 15.03 6.64
CA SER A 5 -4.98 13.77 7.37
C SER A 5 -6.39 13.22 7.55
N PHE A 6 -6.44 11.92 7.82
CA PHE A 6 -7.68 11.21 8.04
C PHE A 6 -7.42 9.86 8.72
N SER A 7 -8.43 9.33 9.38
CA SER A 7 -8.35 8.05 10.07
C SER A 7 -9.73 7.40 10.03
N PHE A 8 -9.82 6.23 9.41
CA PHE A 8 -11.09 5.50 9.28
C PHE A 8 -11.06 4.14 9.97
N LYS A 9 -11.97 3.95 10.93
CA LYS A 9 -12.07 2.69 11.63
C LYS A 9 -13.28 2.00 11.01
N ASN A 10 -14.04 2.76 10.23
CA ASN A 10 -15.25 2.28 9.57
C ASN A 10 -15.34 2.89 8.17
N PHE A 11 -15.46 2.06 7.13
CA PHE A 11 -15.50 2.57 5.77
C PHE A 11 -16.85 2.80 5.13
N ASN A 12 -16.93 3.86 4.35
CA ASN A 12 -18.15 4.23 3.66
C ASN A 12 -17.74 4.92 2.40
N SER A 13 -18.05 4.26 1.29
CA SER A 13 -17.76 4.69 -0.06
C SER A 13 -17.58 6.17 -0.43
N PRO A 14 -18.44 7.07 0.07
CA PRO A 14 -18.34 8.50 -0.26
C PRO A 14 -16.97 9.14 -0.30
N SER A 15 -16.18 8.96 0.76
CA SER A 15 -14.87 9.57 0.83
C SER A 15 -13.78 8.83 0.07
N PHE A 16 -14.11 7.73 -0.63
CA PHE A 16 -13.13 6.94 -1.39
C PHE A 16 -13.43 6.72 -2.86
N ILE A 17 -12.38 6.51 -3.64
CA ILE A 17 -12.51 6.25 -5.06
C ILE A 17 -12.26 4.76 -5.22
N LEU A 18 -13.29 4.03 -5.65
CA LEU A 18 -13.15 2.58 -5.82
C LEU A 18 -13.06 2.18 -7.29
N GLN A 19 -12.10 1.31 -7.58
CA GLN A 19 -11.86 0.81 -8.93
C GLN A 19 -11.80 -0.71 -8.92
N GLY A 20 -12.21 -1.34 -10.02
CA GLY A 20 -12.17 -2.79 -10.08
C GLY A 20 -13.20 -3.42 -9.16
N ASP A 21 -12.82 -4.50 -8.48
CA ASP A 21 -13.75 -5.20 -7.57
C ASP A 21 -13.76 -4.68 -6.14
N ALA A 22 -13.09 -3.55 -5.89
CA ALA A 22 -13.04 -3.00 -4.54
C ALA A 22 -14.43 -2.57 -4.12
N THR A 23 -14.82 -2.95 -2.91
CA THR A 23 -16.14 -2.61 -2.42
C THR A 23 -16.12 -2.37 -0.92
N VAL A 24 -17.17 -1.74 -0.38
CA VAL A 24 -17.25 -1.47 1.05
C VAL A 24 -18.43 -2.26 1.61
N SER A 25 -18.14 -3.21 2.48
CA SER A 25 -19.19 -4.03 3.06
C SER A 25 -18.98 -4.29 4.54
N SER A 26 -20.02 -4.05 5.32
CA SER A 26 -19.94 -4.28 6.75
C SER A 26 -18.93 -3.30 7.33
N GLY A 27 -18.75 -2.18 6.63
CA GLY A 27 -17.83 -1.17 7.09
C GLY A 27 -16.37 -1.37 6.75
N LYS A 28 -15.98 -2.57 6.33
CA LYS A 28 -14.58 -2.80 5.99
C LYS A 28 -14.37 -2.64 4.50
N LEU A 29 -13.13 -2.36 4.12
CA LEU A 29 -12.77 -2.18 2.73
C LEU A 29 -12.27 -3.49 2.17
N GLN A 30 -13.04 -4.07 1.25
CA GLN A 30 -12.72 -5.33 0.59
C GLN A 30 -12.15 -5.04 -0.78
N LEU A 31 -10.83 -5.14 -0.93
CA LEU A 31 -10.19 -4.86 -2.20
C LEU A 31 -10.45 -5.86 -3.33
N THR A 32 -10.53 -7.15 -3.03
CA THR A 32 -10.79 -8.13 -4.08
C THR A 32 -12.14 -8.83 -3.96
N LYS A 33 -12.58 -9.44 -5.05
CA LYS A 33 -13.86 -10.13 -5.11
C LYS A 33 -13.94 -11.34 -4.17
N VAL A 34 -15.14 -11.58 -3.66
CA VAL A 34 -15.39 -12.70 -2.77
C VAL A 34 -16.79 -13.24 -3.03
N LYS A 35 -16.91 -14.54 -3.31
CA LYS A 35 -18.22 -15.16 -3.58
C LYS A 35 -19.09 -15.00 -2.33
N GLU A 36 -20.41 -15.12 -2.49
CA GLU A 36 -21.34 -14.97 -1.36
C GLU A 36 -21.05 -15.90 -0.18
N ASN A 37 -20.53 -17.08 -0.48
CA ASN A 37 -20.21 -18.06 0.56
C ASN A 37 -18.93 -17.71 1.30
N GLY A 38 -18.32 -16.59 0.93
CA GLY A 38 -17.10 -16.16 1.60
C GLY A 38 -15.77 -16.49 0.95
N ILE A 39 -15.75 -17.41 -0.02
CA ILE A 39 -14.47 -17.76 -0.64
C ILE A 39 -14.03 -16.73 -1.68
N PRO A 40 -12.71 -16.46 -1.72
CA PRO A 40 -12.11 -15.51 -2.66
C PRO A 40 -12.26 -15.95 -4.10
N THR A 41 -12.14 -14.97 -5.00
CA THR A 41 -12.28 -15.22 -6.41
C THR A 41 -10.95 -14.97 -7.13
N PRO A 42 -10.60 -15.86 -8.07
CA PRO A 42 -9.34 -15.69 -8.82
C PRO A 42 -9.44 -14.57 -9.86
N SER A 43 -8.30 -14.18 -10.41
CA SER A 43 -8.25 -13.13 -11.42
C SER A 43 -8.92 -11.81 -11.03
N SER A 44 -8.98 -11.54 -9.72
CA SER A 44 -9.58 -10.30 -9.21
C SER A 44 -8.57 -9.15 -9.17
N LEU A 45 -9.12 -7.93 -9.12
CA LEU A 45 -8.33 -6.71 -9.08
C LEU A 45 -9.17 -5.55 -8.57
N GLY A 46 -8.74 -4.96 -7.47
CA GLY A 46 -9.46 -3.83 -6.90
C GLY A 46 -8.48 -2.80 -6.39
N ARG A 47 -8.90 -1.53 -6.38
CA ARG A 47 -8.07 -0.45 -5.90
C ARG A 47 -8.97 0.54 -5.16
N ALA A 48 -8.40 1.33 -4.25
CA ALA A 48 -9.20 2.31 -3.51
C ALA A 48 -8.29 3.45 -3.09
N PHE A 49 -8.73 4.67 -3.32
CA PHE A 49 -7.94 5.84 -2.97
C PHE A 49 -8.75 6.91 -2.26
N TYR A 50 -8.08 7.69 -1.41
CA TYR A 50 -8.77 8.77 -0.71
C TYR A 50 -9.20 9.77 -1.79
N SER A 51 -10.44 10.25 -1.70
CA SER A 51 -11.00 11.19 -2.68
C SER A 51 -10.29 12.53 -2.83
N SER A 52 -9.30 12.80 -1.99
CA SER A 52 -8.60 14.06 -2.07
C SER A 52 -7.15 13.83 -2.44
N PRO A 53 -6.65 14.53 -3.46
CA PRO A 53 -5.26 14.32 -3.84
C PRO A 53 -4.34 14.94 -2.81
N ILE A 54 -3.17 14.35 -2.67
CA ILE A 54 -2.18 14.83 -1.73
C ILE A 54 -0.93 15.34 -2.44
N GLN A 55 -0.51 16.55 -2.07
CA GLN A 55 0.69 17.14 -2.65
C GLN A 55 1.96 16.64 -1.94
N ILE A 56 2.73 15.82 -2.65
CA ILE A 56 3.95 15.21 -2.14
C ILE A 56 5.11 16.23 -2.06
N TYR A 57 5.08 17.23 -2.93
CA TYR A 57 6.12 18.25 -2.95
C TYR A 57 5.67 19.45 -3.80
N ASP A 58 6.45 20.53 -3.74
CA ASP A 58 6.15 21.74 -4.51
C ASP A 58 7.42 22.14 -5.25
N LYS A 59 7.37 22.11 -6.59
CA LYS A 59 8.55 22.46 -7.39
C LYS A 59 8.97 23.91 -7.21
N SER A 60 8.02 24.82 -7.01
CA SER A 60 8.36 26.22 -6.83
C SER A 60 9.19 26.49 -5.57
N THR A 61 8.74 26.00 -4.42
CA THR A 61 9.45 26.23 -3.15
C THR A 61 10.52 25.22 -2.76
N GLY A 62 10.57 24.09 -3.47
CA GLY A 62 11.58 23.09 -3.15
C GLY A 62 11.27 22.36 -1.86
N ALA A 63 10.02 22.46 -1.40
CA ALA A 63 9.61 21.78 -0.16
C ALA A 63 9.14 20.36 -0.45
N VAL A 64 9.55 19.42 0.36
CA VAL A 64 9.13 18.03 0.19
C VAL A 64 8.35 17.67 1.44
N ALA A 65 7.25 16.95 1.26
CA ALA A 65 6.42 16.56 2.38
C ALA A 65 6.87 15.29 3.08
N SER A 66 6.56 15.23 4.36
CA SER A 66 6.86 14.10 5.21
C SER A 66 5.48 13.52 5.51
N TRP A 67 5.31 12.22 5.35
CA TRP A 67 4.01 11.64 5.61
C TRP A 67 4.09 10.27 6.26
N ALA A 68 2.94 9.78 6.72
CA ALA A 68 2.85 8.49 7.37
C ALA A 68 1.45 7.91 7.21
N THR A 69 1.39 6.59 7.08
CA THR A 69 0.12 5.89 6.94
C THR A 69 0.19 4.60 7.74
N SER A 70 -0.94 4.19 8.30
CA SER A 70 -1.01 2.97 9.07
C SER A 70 -2.37 2.36 8.81
N PHE A 71 -2.41 1.05 8.66
CA PHE A 71 -3.65 0.36 8.40
C PHE A 71 -3.55 -1.09 8.84
N THR A 72 -4.70 -1.75 9.01
CA THR A 72 -4.74 -3.13 9.43
C THR A 72 -5.39 -3.95 8.31
N VAL A 73 -4.72 -5.01 7.87
CA VAL A 73 -5.27 -5.86 6.81
C VAL A 73 -5.36 -7.28 7.34
N LYS A 74 -6.29 -8.04 6.78
CA LYS A 74 -6.49 -9.45 7.14
C LYS A 74 -6.48 -10.24 5.84
N ILE A 75 -5.41 -11.01 5.63
CA ILE A 75 -5.28 -11.81 4.42
C ILE A 75 -5.56 -13.28 4.71
N SER A 76 -6.68 -13.79 4.19
CA SER A 76 -7.09 -15.19 4.40
C SER A 76 -7.19 -16.02 3.12
N ALA A 77 -6.68 -17.25 3.20
CA ALA A 77 -6.72 -18.18 2.08
C ALA A 77 -7.54 -19.40 2.45
N PRO A 78 -8.47 -19.80 1.58
CA PRO A 78 -9.28 -20.98 1.89
C PRO A 78 -8.39 -22.14 2.29
N SER A 79 -8.95 -23.04 3.07
CA SER A 79 -8.25 -24.23 3.56
C SER A 79 -7.14 -24.78 2.68
N LYS A 80 -7.51 -25.41 1.57
CA LYS A 80 -6.51 -26.05 0.69
C LYS A 80 -5.97 -25.23 -0.48
N ALA A 81 -6.14 -23.91 -0.45
CA ALA A 81 -5.66 -23.06 -1.55
C ALA A 81 -4.35 -22.35 -1.24
N SER A 82 -3.63 -21.98 -2.30
CA SER A 82 -2.36 -21.28 -2.15
C SER A 82 -2.55 -19.76 -2.17
N PHE A 83 -1.61 -19.04 -1.60
CA PHE A 83 -1.68 -17.57 -1.53
C PHE A 83 -1.29 -16.89 -2.82
N ALA A 84 -2.01 -15.83 -3.16
CA ALA A 84 -1.74 -15.03 -4.36
C ALA A 84 -2.82 -13.95 -4.41
N ASP A 85 -2.48 -12.74 -4.85
CA ASP A 85 -1.14 -12.37 -5.28
C ASP A 85 -0.49 -11.34 -4.37
N GLY A 86 -1.31 -10.60 -3.62
CA GLY A 86 -0.77 -9.61 -2.71
C GLY A 86 -1.51 -8.29 -2.75
N ILE A 87 -1.16 -7.40 -1.82
CA ILE A 87 -1.79 -6.10 -1.73
C ILE A 87 -0.65 -5.09 -1.64
N ALA A 88 -0.92 -3.86 -2.03
CA ALA A 88 0.12 -2.84 -1.98
C ALA A 88 -0.45 -1.46 -1.67
N PHE A 89 0.28 -0.70 -0.85
CA PHE A 89 -0.12 0.65 -0.55
C PHE A 89 0.59 1.42 -1.63
N ALA A 90 -0.10 2.31 -2.31
CA ALA A 90 0.59 3.00 -3.38
C ALA A 90 0.29 4.46 -3.54
N LEU A 91 1.24 5.17 -4.14
CA LEU A 91 1.09 6.58 -4.44
C LEU A 91 1.04 6.58 -5.97
N VAL A 92 -0.07 7.01 -6.55
CA VAL A 92 -0.16 7.04 -8.00
C VAL A 92 -0.62 8.40 -8.52
N PRO A 93 -0.45 8.64 -9.83
CA PRO A 93 -0.84 9.91 -10.45
C PRO A 93 -2.33 10.10 -10.25
N VAL A 94 -2.75 11.31 -9.97
CA VAL A 94 -4.16 11.56 -9.70
C VAL A 94 -5.21 10.90 -10.60
N GLY A 95 -5.03 10.94 -11.90
CA GLY A 95 -6.05 10.32 -12.75
C GLY A 95 -5.95 8.82 -12.98
N SER A 96 -4.79 8.25 -12.65
CA SER A 96 -4.45 6.82 -12.79
C SER A 96 -5.58 5.77 -12.83
N GLU A 97 -5.42 4.83 -13.74
CA GLU A 97 -6.35 3.71 -13.89
C GLU A 97 -5.58 2.44 -13.54
N PRO A 98 -6.27 1.35 -13.17
CA PRO A 98 -5.57 0.11 -12.81
C PRO A 98 -4.66 -0.37 -13.91
N ARG A 99 -3.58 -1.09 -13.57
CA ARG A 99 -2.66 -1.61 -14.59
C ARG A 99 -2.80 -3.13 -14.72
N ARG A 100 -1.71 -3.82 -15.00
CA ARG A 100 -1.75 -5.29 -15.17
C ARG A 100 -2.23 -6.02 -13.92
N ASN A 101 -2.96 -7.12 -14.11
CA ASN A 101 -3.44 -7.88 -12.97
C ASN A 101 -2.44 -8.97 -12.58
N GLY A 102 -2.87 -9.89 -11.72
CA GLY A 102 -1.97 -10.95 -11.30
C GLY A 102 -0.78 -10.46 -10.48
N GLY A 103 0.41 -10.94 -10.83
CA GLY A 103 1.62 -10.56 -10.13
C GLY A 103 2.04 -9.11 -10.22
N TYR A 104 1.29 -8.32 -10.97
CA TYR A 104 1.61 -6.90 -11.10
C TYR A 104 0.82 -6.07 -10.09
N LEU A 105 0.00 -6.76 -9.31
CA LEU A 105 -0.80 -6.14 -8.25
C LEU A 105 -1.64 -4.95 -8.69
N GLY A 106 -1.86 -4.81 -9.99
CA GLY A 106 -2.65 -3.70 -10.49
C GLY A 106 -2.02 -2.33 -10.45
N VAL A 107 -0.70 -2.22 -10.24
CA VAL A 107 -0.07 -0.91 -10.19
C VAL A 107 1.09 -0.75 -11.16
N PHE A 108 1.66 -1.86 -11.63
CA PHE A 108 2.77 -1.77 -12.55
C PHE A 108 2.55 -2.52 -13.84
N ASP A 109 3.35 -2.19 -14.85
CA ASP A 109 3.25 -2.82 -16.16
C ASP A 109 4.43 -3.73 -16.48
N SER A 110 5.56 -3.53 -15.81
CA SER A 110 6.73 -4.37 -16.09
C SER A 110 7.73 -4.40 -14.95
N ASP A 111 8.68 -5.33 -15.01
CA ASP A 111 9.69 -5.45 -13.97
C ASP A 111 10.93 -4.65 -14.34
N VAL A 112 10.76 -3.77 -15.32
CA VAL A 112 11.85 -2.91 -15.78
C VAL A 112 11.52 -1.48 -15.38
N TYR A 113 12.51 -0.78 -14.82
CA TYR A 113 12.29 0.59 -14.40
C TYR A 113 11.77 1.47 -15.51
N ASN A 114 10.66 2.15 -15.25
CA ASN A 114 10.07 3.05 -16.23
C ASN A 114 9.64 4.28 -15.47
N ASN A 115 10.54 5.26 -15.40
CA ASN A 115 10.24 6.48 -14.68
C ASN A 115 8.89 7.09 -15.04
N SER A 116 8.46 6.95 -16.28
CA SER A 116 7.20 7.55 -16.69
C SER A 116 5.99 6.88 -16.04
N ALA A 117 6.22 5.78 -15.36
CA ALA A 117 5.10 5.09 -14.69
C ALA A 117 4.62 5.95 -13.52
N GLN A 118 5.55 6.73 -12.96
CA GLN A 118 5.28 7.64 -11.85
C GLN A 118 4.51 6.98 -10.69
N THR A 119 4.94 5.79 -10.30
CA THR A 119 4.28 5.08 -9.22
C THR A 119 5.24 4.48 -8.21
N VAL A 120 4.92 4.65 -6.94
CA VAL A 120 5.72 4.11 -5.87
C VAL A 120 4.74 3.35 -5.01
N ALA A 121 5.14 2.17 -4.56
CA ALA A 121 4.27 1.35 -3.74
C ALA A 121 5.05 0.44 -2.83
N VAL A 122 4.49 0.16 -1.66
CA VAL A 122 5.12 -0.77 -0.72
C VAL A 122 4.19 -1.98 -0.85
N GLU A 123 4.76 -3.10 -1.27
CA GLU A 123 3.97 -4.29 -1.50
C GLU A 123 4.17 -5.37 -0.46
N PHE A 124 3.10 -6.14 -0.29
CA PHE A 124 3.08 -7.27 0.61
C PHE A 124 2.69 -8.41 -0.34
N ASP A 125 3.75 -8.92 -0.98
CA ASP A 125 3.74 -9.97 -1.97
C ASP A 125 3.56 -11.38 -1.40
N THR A 126 2.44 -12.03 -1.67
CA THR A 126 2.21 -13.38 -1.14
C THR A 126 2.50 -14.51 -2.12
N LEU A 127 3.04 -14.18 -3.29
CA LEU A 127 3.38 -15.20 -4.29
C LEU A 127 4.64 -14.80 -5.05
N SER A 128 5.63 -15.68 -5.01
CA SER A 128 6.91 -15.44 -5.66
C SER A 128 6.86 -15.66 -7.17
N ASN A 129 7.09 -14.59 -7.93
CA ASN A 129 7.10 -14.68 -9.38
C ASN A 129 8.55 -14.82 -9.84
N SER A 130 8.91 -16.03 -10.27
CA SER A 130 10.26 -16.36 -10.72
C SER A 130 11.07 -15.29 -11.46
N GLY A 131 10.41 -14.46 -12.23
CA GLY A 131 11.12 -13.43 -12.98
C GLY A 131 11.67 -12.20 -12.26
N TRP A 132 11.18 -11.90 -11.05
CA TRP A 132 11.66 -10.72 -10.32
C TRP A 132 11.48 -10.80 -8.81
N ASP A 133 10.90 -11.89 -8.33
CA ASP A 133 10.64 -12.04 -6.90
C ASP A 133 11.65 -12.86 -6.13
N PRO A 134 11.81 -12.53 -4.84
CA PRO A 134 12.73 -13.26 -3.95
C PRO A 134 12.13 -14.62 -3.68
N SER A 135 12.91 -15.52 -3.09
CA SER A 135 12.44 -16.86 -2.81
C SER A 135 11.08 -17.02 -2.10
N MET A 136 10.82 -16.27 -1.03
CA MET A 136 9.55 -16.42 -0.32
C MET A 136 8.63 -15.20 -0.26
N LYS A 137 7.63 -15.29 0.61
CA LYS A 137 6.67 -14.20 0.80
C LYS A 137 7.49 -13.02 1.33
N HIS A 138 7.17 -11.82 0.88
CA HIS A 138 7.95 -10.68 1.30
C HIS A 138 7.27 -9.31 1.26
N ILE A 139 7.94 -8.35 1.88
CA ILE A 139 7.49 -6.97 1.93
C ILE A 139 8.55 -6.30 1.06
N GLY A 140 8.16 -5.40 0.18
CA GLY A 140 9.15 -4.78 -0.66
C GLY A 140 8.80 -3.36 -1.04
N ILE A 141 9.80 -2.58 -1.41
CA ILE A 141 9.58 -1.21 -1.83
C ILE A 141 9.75 -1.15 -3.35
N ASP A 142 8.67 -0.83 -4.06
CA ASP A 142 8.68 -0.74 -5.52
C ASP A 142 8.69 0.68 -6.03
N VAL A 143 9.70 1.01 -6.82
CA VAL A 143 9.81 2.36 -7.38
C VAL A 143 9.79 2.26 -8.90
N ASN A 144 8.60 2.49 -9.46
CA ASN A 144 8.38 2.45 -10.92
C ASN A 144 8.72 1.11 -11.62
N SER A 145 8.44 0.01 -10.93
CA SER A 145 8.68 -1.32 -11.48
C SER A 145 8.18 -2.34 -10.45
N ILE A 146 7.83 -3.53 -10.92
CA ILE A 146 7.33 -4.54 -9.99
C ILE A 146 8.49 -5.28 -9.30
N LYS A 147 9.72 -5.02 -9.75
CA LYS A 147 10.90 -5.64 -9.14
C LYS A 147 11.30 -4.68 -8.02
N SER A 148 11.02 -5.08 -6.79
CA SER A 148 11.33 -4.25 -5.64
C SER A 148 12.82 -3.88 -5.55
N ILE A 149 13.10 -2.67 -5.06
CA ILE A 149 14.49 -2.22 -4.91
C ILE A 149 15.09 -2.76 -3.62
N ALA A 150 14.22 -3.27 -2.73
CA ALA A 150 14.63 -3.84 -1.46
C ALA A 150 13.47 -4.67 -0.92
N THR A 151 13.78 -5.80 -0.30
CA THR A 151 12.74 -6.67 0.25
C THR A 151 13.17 -7.26 1.58
N VAL A 152 12.24 -7.90 2.25
CA VAL A 152 12.49 -8.54 3.53
C VAL A 152 11.53 -9.73 3.65
N SER A 153 12.03 -10.90 4.02
CA SER A 153 11.16 -12.06 4.14
C SER A 153 10.04 -11.77 5.12
N TRP A 154 8.88 -12.37 4.87
CA TRP A 154 7.73 -12.16 5.73
C TRP A 154 6.93 -13.44 5.93
N ASP A 155 6.72 -13.81 7.20
CA ASP A 155 5.97 -15.00 7.54
C ASP A 155 4.51 -14.65 7.73
N LEU A 156 3.74 -14.75 6.65
CA LEU A 156 2.33 -14.41 6.69
C LEU A 156 1.53 -15.32 7.60
N ALA A 157 0.77 -14.72 8.49
CA ALA A 157 -0.06 -15.46 9.43
C ALA A 157 -1.45 -15.50 8.86
N ASN A 158 -1.79 -16.60 8.21
CA ASN A 158 -3.09 -16.76 7.59
C ASN A 158 -4.30 -16.44 8.46
N GLY A 159 -5.07 -15.44 8.04
CA GLY A 159 -6.27 -15.07 8.78
C GLY A 159 -6.08 -14.17 9.98
N GLU A 160 -4.83 -13.87 10.33
CA GLU A 160 -4.58 -13.01 11.46
C GLU A 160 -4.22 -11.62 11.02
N ASN A 161 -4.71 -10.64 11.78
CA ASN A 161 -4.47 -9.25 11.49
C ASN A 161 -3.00 -8.89 11.36
N ALA A 162 -2.75 -7.95 10.46
CA ALA A 162 -1.41 -7.44 10.21
C ALA A 162 -1.51 -5.93 10.38
N GLU A 163 -0.72 -5.40 11.30
CA GLU A 163 -0.72 -3.97 11.53
C GLU A 163 0.49 -3.40 10.81
N ILE A 164 0.23 -2.54 9.82
CA ILE A 164 1.28 -1.93 8.99
C ILE A 164 1.47 -0.43 9.23
N LEU A 165 2.71 0.03 9.15
CA LEU A 165 3.04 1.43 9.31
C LEU A 165 4.12 1.75 8.31
N ILE A 166 3.88 2.77 7.51
CA ILE A 166 4.83 3.18 6.48
C ILE A 166 5.08 4.67 6.69
N THR A 167 6.34 5.08 6.70
CA THR A 167 6.61 6.50 6.88
C THR A 167 7.64 7.01 5.88
N TYR A 168 7.60 8.30 5.62
CA TYR A 168 8.56 8.89 4.72
C TYR A 168 9.05 10.17 5.37
N ASN A 169 10.35 10.26 5.61
CA ASN A 169 10.98 11.43 6.23
C ASN A 169 11.72 12.22 5.15
N ALA A 170 11.19 13.40 4.82
CA ALA A 170 11.81 14.24 3.78
C ALA A 170 13.22 14.68 4.11
N ALA A 171 13.56 14.70 5.40
CA ALA A 171 14.88 15.11 5.83
C ALA A 171 15.95 14.06 5.52
N THR A 172 15.62 12.78 5.67
CA THR A 172 16.58 11.71 5.41
C THR A 172 16.25 11.00 4.11
N SER A 173 15.13 11.38 3.49
CA SER A 173 14.66 10.78 2.24
C SER A 173 14.45 9.30 2.44
N LEU A 174 14.25 8.91 3.69
CA LEU A 174 14.07 7.51 4.03
C LEU A 174 12.64 7.05 4.12
N LEU A 175 12.35 5.95 3.44
CA LEU A 175 11.03 5.36 3.46
C LEU A 175 11.18 4.09 4.27
N VAL A 176 10.35 3.96 5.31
CA VAL A 176 10.39 2.81 6.20
C VAL A 176 9.01 2.18 6.31
N ALA A 177 9.00 0.84 6.31
CA ALA A 177 7.76 0.09 6.41
C ALA A 177 7.96 -1.01 7.43
N SER A 178 6.97 -1.19 8.31
CA SER A 178 7.07 -2.22 9.32
C SER A 178 5.75 -2.96 9.39
N LEU A 179 5.79 -4.25 9.66
CA LEU A 179 4.57 -5.04 9.77
C LEU A 179 4.63 -5.83 11.06
N VAL A 180 3.49 -5.94 11.73
CA VAL A 180 3.40 -6.65 12.99
C VAL A 180 2.19 -7.57 13.03
N HIS A 181 2.39 -8.82 13.47
CA HIS A 181 1.29 -9.76 13.62
C HIS A 181 1.15 -9.92 15.15
N PRO A 182 0.32 -9.09 15.78
CA PRO A 182 0.12 -9.13 17.23
C PRO A 182 -0.10 -10.51 17.78
N SER A 183 -0.97 -11.27 17.11
CA SER A 183 -1.32 -12.62 17.51
C SER A 183 -0.10 -13.51 17.66
N ARG A 184 0.92 -13.29 16.84
CA ARG A 184 2.15 -14.10 16.89
C ARG A 184 3.33 -13.37 17.52
N ARG A 185 3.15 -12.09 17.84
CA ARG A 185 4.21 -11.29 18.43
C ARG A 185 5.42 -11.20 17.48
N THR A 186 5.18 -11.39 16.18
CA THR A 186 6.26 -11.27 15.18
C THR A 186 6.20 -9.87 14.57
N SER A 187 7.36 -9.38 14.12
CA SER A 187 7.42 -8.04 13.55
C SER A 187 8.53 -7.99 12.51
N TYR A 188 8.30 -7.21 11.47
CA TYR A 188 9.28 -7.09 10.39
C TYR A 188 9.40 -5.62 10.05
N ILE A 189 10.58 -5.21 9.61
CA ILE A 189 10.80 -3.80 9.26
C ILE A 189 11.72 -3.78 8.06
N LEU A 190 11.61 -2.72 7.27
CA LEU A 190 12.43 -2.58 6.07
C LEU A 190 12.54 -1.11 5.71
N SER A 191 13.72 -0.67 5.30
CA SER A 191 13.92 0.73 4.97
C SER A 191 14.85 0.96 3.80
N GLU A 192 14.60 2.04 3.06
CA GLU A 192 15.43 2.36 1.92
C GLU A 192 15.26 3.83 1.55
N ARG A 193 16.32 4.43 1.01
CA ARG A 193 16.29 5.83 0.61
C ARG A 193 15.59 5.92 -0.75
N VAL A 194 14.68 6.89 -0.89
CA VAL A 194 13.94 7.06 -2.14
C VAL A 194 13.80 8.54 -2.47
N ASP A 195 14.35 8.96 -3.60
CA ASP A 195 14.26 10.34 -4.04
C ASP A 195 12.87 10.55 -4.66
N ILE A 196 11.90 10.76 -3.78
CA ILE A 196 10.52 10.92 -4.18
C ILE A 196 10.19 11.95 -5.27
N THR A 197 10.84 13.11 -5.24
CA THR A 197 10.58 14.17 -6.21
C THR A 197 10.97 13.78 -7.62
N ASN A 198 11.69 12.68 -7.74
CA ASN A 198 12.14 12.21 -9.03
C ASN A 198 11.26 11.07 -9.54
N GLU A 199 10.66 10.32 -8.62
CA GLU A 199 9.83 9.18 -9.00
C GLU A 199 8.33 9.40 -9.07
N LEU A 200 7.87 10.54 -8.57
CA LEU A 200 6.44 10.80 -8.57
C LEU A 200 6.13 12.23 -8.94
N PRO A 201 4.86 12.54 -9.23
CA PRO A 201 4.44 13.90 -9.57
C PRO A 201 4.16 14.70 -8.31
N GLU A 202 3.90 16.00 -8.46
CA GLU A 202 3.63 16.87 -7.32
C GLU A 202 2.42 16.41 -6.53
N TYR A 203 1.39 15.96 -7.23
CA TYR A 203 0.18 15.51 -6.55
C TYR A 203 -0.05 14.04 -6.83
N VAL A 204 -0.50 13.31 -5.82
CA VAL A 204 -0.77 11.89 -5.99
C VAL A 204 -2.03 11.53 -5.23
N SER A 205 -2.52 10.33 -5.50
CA SER A 205 -3.71 9.81 -4.83
C SER A 205 -3.13 8.67 -4.02
N VAL A 206 -3.49 8.58 -2.75
CA VAL A 206 -2.96 7.50 -1.95
C VAL A 206 -4.03 6.46 -1.70
N GLY A 207 -3.63 5.18 -1.74
CA GLY A 207 -4.59 4.12 -1.51
C GLY A 207 -3.99 2.74 -1.66
N PHE A 208 -4.85 1.76 -1.87
CA PHE A 208 -4.41 0.38 -2.00
C PHE A 208 -4.74 -0.22 -3.34
N SER A 209 -4.08 -1.33 -3.62
CA SER A 209 -4.28 -2.08 -4.84
C SER A 209 -3.97 -3.53 -4.52
N ALA A 210 -4.91 -4.43 -4.84
CA ALA A 210 -4.71 -5.83 -4.55
C ALA A 210 -5.21 -6.68 -5.70
N THR A 211 -4.64 -7.87 -5.86
CA THR A 211 -5.06 -8.79 -6.92
C THR A 211 -4.92 -10.20 -6.43
N THR A 212 -5.75 -11.10 -6.96
CA THR A 212 -5.68 -12.51 -6.60
C THR A 212 -5.07 -13.22 -7.80
N GLY A 213 -4.66 -14.47 -7.61
CA GLY A 213 -4.01 -15.24 -8.67
C GLY A 213 -4.86 -15.59 -9.87
N LEU A 214 -4.21 -15.85 -11.00
CA LEU A 214 -4.90 -16.17 -12.24
C LEU A 214 -5.25 -17.64 -12.39
N SER A 215 -5.10 -18.41 -11.32
CA SER A 215 -5.40 -19.85 -11.36
C SER A 215 -6.48 -20.20 -10.37
N GLU A 216 -7.12 -21.34 -10.59
CA GLU A 216 -8.20 -21.80 -9.75
C GLU A 216 -7.89 -21.89 -8.26
N GLY A 217 -6.66 -22.25 -7.91
CA GLY A 217 -6.32 -22.39 -6.52
C GLY A 217 -5.40 -21.36 -5.88
N TYR A 218 -5.15 -20.27 -6.58
CA TYR A 218 -4.29 -19.25 -6.02
C TYR A 218 -5.12 -18.04 -5.64
N ILE A 219 -5.74 -18.10 -4.47
CA ILE A 219 -6.58 -17.03 -3.99
C ILE A 219 -6.36 -16.64 -2.53
N GLU A 220 -6.93 -15.50 -2.14
CA GLU A 220 -6.84 -14.98 -0.77
C GLU A 220 -7.67 -13.72 -0.69
N THR A 221 -8.09 -13.36 0.51
CA THR A 221 -8.88 -12.15 0.68
C THR A 221 -7.96 -10.97 1.03
N HIS A 222 -8.46 -9.75 0.88
CA HIS A 222 -7.69 -8.54 1.20
C HIS A 222 -8.62 -7.53 1.86
N ASP A 223 -8.83 -7.67 3.16
CA ASP A 223 -9.71 -6.75 3.86
C ASP A 223 -8.94 -5.70 4.65
N VAL A 224 -9.21 -4.44 4.38
CA VAL A 224 -8.57 -3.38 5.13
C VAL A 224 -9.60 -3.06 6.23
N LEU A 225 -9.19 -3.20 7.49
CA LEU A 225 -10.10 -2.99 8.62
C LEU A 225 -10.06 -1.59 9.18
N SER A 226 -8.97 -0.86 8.94
CA SER A 226 -8.85 0.52 9.42
C SER A 226 -7.67 1.15 8.70
N TRP A 227 -7.75 2.47 8.47
CA TRP A 227 -6.68 3.16 7.74
C TRP A 227 -6.49 4.61 8.18
N SER A 228 -5.23 5.01 8.39
CA SER A 228 -4.87 6.38 8.81
C SER A 228 -3.81 6.92 7.87
N PHE A 229 -3.79 8.23 7.72
CA PHE A 229 -2.80 8.85 6.85
C PHE A 229 -2.68 10.28 7.31
N ALA A 230 -1.49 10.82 7.18
CA ALA A 230 -1.23 12.19 7.55
C ALA A 230 -0.05 12.69 6.74
N SER A 231 -0.15 13.93 6.26
CA SER A 231 0.91 14.51 5.44
C SER A 231 1.14 15.96 5.82
N LYS A 232 2.40 16.37 5.80
CA LYS A 232 2.77 17.74 6.14
C LYS A 232 3.74 18.28 5.08
N LEU A 233 3.39 19.41 4.48
CA LEU A 233 4.24 20.03 3.47
C LEU A 233 4.69 21.40 3.99
N PRO A 234 6.02 21.59 4.17
CA PRO A 234 6.58 22.86 4.66
C PRO A 234 6.47 24.00 3.66
N ASP A 235 6.97 25.18 4.01
CA ASP A 235 6.90 26.31 3.09
C ASP A 235 8.26 26.62 2.48
N ASP A 236 9.36 26.26 3.13
CA ASP A 236 10.70 26.46 2.57
C ASP A 236 11.31 25.10 2.28
N SER A 237 12.48 25.09 1.80
CA SER A 237 13.15 23.85 1.52
C SER A 237 13.34 23.07 2.80
N THR A 238 13.55 23.74 3.88
CA THR A 238 13.77 23.11 5.20
C THR A 238 12.70 22.11 5.55
N ALA A 239 13.04 20.80 5.48
CA ALA A 239 12.11 19.72 5.80
C ALA A 239 11.95 19.54 7.27
N GLU A 240 10.85 19.00 7.67
CA GLU A 240 10.57 18.78 9.09
C GLU A 240 9.90 17.41 9.26
N PRO A 241 10.61 16.41 9.82
CA PRO A 241 9.99 15.10 9.98
C PRO A 241 8.71 15.23 10.84
N LEU A 242 7.81 14.24 10.74
CA LEU A 242 6.56 14.27 11.49
C LEU A 242 6.71 13.78 12.89
N ASP A 243 5.65 13.94 13.66
CA ASP A 243 5.63 13.49 15.10
C ASP A 243 4.80 12.18 15.16
N LEU A 244 5.48 11.07 15.05
CA LEU A 244 4.91 9.77 15.04
C LEU A 244 4.32 9.45 16.42
N ALA A 245 4.94 9.96 17.47
CA ALA A 245 4.47 9.74 18.83
C ALA A 245 3.06 10.24 18.84
N SER A 246 2.90 11.51 18.59
CA SER A 246 1.59 12.15 18.64
C SER A 246 0.66 11.59 17.55
N TYR A 247 1.23 11.10 16.48
CA TYR A 247 0.47 10.59 15.36
C TYR A 247 -0.27 9.26 15.70
N LEU A 248 0.47 8.24 16.13
CA LEU A 248 -0.09 6.95 16.45
C LEU A 248 -1.10 7.00 17.55
N VAL A 249 -0.82 7.73 18.62
CA VAL A 249 -1.75 7.81 19.72
C VAL A 249 -3.08 8.63 19.24
N ARG A 250 -2.85 9.70 18.50
CA ARG A 250 -3.97 10.46 18.10
C ARG A 250 -4.68 9.79 16.93
N ASN A 251 -4.03 8.80 16.29
CA ASN A 251 -4.60 8.12 15.11
C ASN A 251 -4.70 6.58 15.15
N VAL A 252 -3.63 5.89 15.48
CA VAL A 252 -3.60 4.43 15.50
C VAL A 252 -3.95 3.68 16.78
N LEU A 253 -3.42 4.14 17.94
CA LEU A 253 -3.70 3.45 19.21
C LEU A 253 -4.99 3.87 19.90
#